data_5IJI
#
_entry.id   5IJI
#
_cell.length_a   57.702
_cell.length_b   73.830
_cell.length_c   235.813
_cell.angle_alpha   90.00
_cell.angle_beta   90.00
_cell.angle_gamma   90.00
#
_symmetry.space_group_name_H-M   'F 2 2 2'
#
loop_
_entity.id
_entity.type
_entity.pdbx_description
1 polymer 'Nitrate/nitrite sensor histidine kinase NarQ'
2 non-polymer EICOSANE
3 non-polymer 'NITRATE ION'
4 water water
#
_entity_poly.entity_id   1
_entity_poly.type   'polypeptide(L)'
_entity_poly.pdbx_seq_one_letter_code
;MIVKRPVSASLARAFFYIVLLSILSTGIALLTLASSLRDAEAINIAGSLRMQSYRLGYDLQSGSPQLNAHRQLFQQALHS
PVLTNLNVWYVPEAVKTRYAHLNANWLEMNNRLSKGDLPWYQANINNYVNQIDLFVLALQHYAERKMLLVVAISLAGGIG
IFTLVFFTLRRIRHQVVAPLNQLVTASQRIEHGQFDSPPLDTNLPNELGLLAKTFNQMSSELHKLYRSLEHHHHHH
;
_entity_poly.pdbx_strand_id   A
#
loop_
_chem_comp.id
_chem_comp.type
_chem_comp.name
_chem_comp.formula
LFA non-polymer EICOSANE 'C20 H42'
NO3 non-polymer 'NITRATE ION' 'N O3 -1'
#
# COMPACT_ATOMS: atom_id res chain seq x y z
N MET A 1 -17.68 37.93 23.75
CA MET A 1 -17.40 37.28 22.45
C MET A 1 -16.74 35.93 22.69
N ILE A 2 -16.95 35.02 21.76
CA ILE A 2 -16.29 33.74 21.83
C ILE A 2 -15.54 33.40 20.54
N VAL A 3 -14.76 32.34 20.63
CA VAL A 3 -14.13 31.73 19.48
C VAL A 3 -14.92 30.47 19.17
N LYS A 4 -15.69 30.50 18.09
CA LYS A 4 -16.46 29.36 17.66
C LYS A 4 -15.62 28.26 17.04
N ARG A 5 -14.53 28.61 16.38
CA ARG A 5 -13.74 27.56 15.75
C ARG A 5 -12.27 27.64 16.11
N PRO A 6 -11.91 27.11 17.27
CA PRO A 6 -10.52 27.31 17.71
C PRO A 6 -9.51 26.69 16.75
N VAL A 7 -8.40 27.40 16.53
CA VAL A 7 -7.35 26.90 15.66
CA VAL A 7 -7.35 26.89 15.65
C VAL A 7 -6.81 25.55 16.14
N SER A 8 -6.77 25.34 17.45
CA SER A 8 -6.16 24.12 17.97
CA SER A 8 -6.16 24.12 17.98
C SER A 8 -6.88 22.90 17.43
N ALA A 9 -8.21 22.95 17.43
CA ALA A 9 -9.01 21.83 16.93
C ALA A 9 -8.86 21.64 15.41
N SER A 10 -8.82 22.76 14.68
CA SER A 10 -8.74 22.74 13.22
CA SER A 10 -8.75 22.71 13.22
C SER A 10 -7.39 22.15 12.78
N LEU A 11 -6.33 22.58 13.45
CA LEU A 11 -4.97 22.07 13.17
C LEU A 11 -4.84 20.62 13.54
N ALA A 12 -5.39 20.26 14.70
CA ALA A 12 -5.29 18.90 15.12
C ALA A 12 -5.94 17.98 14.08
N ARG A 13 -7.08 18.41 13.55
CA ARG A 13 -7.80 17.63 12.55
C ARG A 13 -6.97 17.47 11.28
N ALA A 14 -6.39 18.56 10.82
CA ALA A 14 -5.67 18.56 9.55
C ALA A 14 -4.47 17.62 9.59
N PHE A 15 -3.71 17.69 10.68
CA PHE A 15 -2.53 16.84 10.83
C PHE A 15 -2.92 15.40 11.08
N PHE A 16 -4.02 15.19 11.77
CA PHE A 16 -4.53 13.85 11.92
C PHE A 16 -4.80 13.18 10.56
N TYR A 17 -5.45 13.90 9.65
CA TYR A 17 -5.74 13.29 8.34
C TYR A 17 -4.46 13.04 7.55
N ILE A 18 -3.48 13.90 7.69
CA ILE A 18 -2.20 13.68 7.01
C ILE A 18 -1.59 12.39 7.50
N VAL A 19 -1.51 12.23 8.82
CA VAL A 19 -0.93 11.04 9.40
C VAL A 19 -1.76 9.80 9.13
N LEU A 20 -3.08 9.90 9.25
CA LEU A 20 -3.94 8.78 8.94
C LEU A 20 -3.70 8.27 7.52
N LEU A 21 -3.61 9.17 6.56
CA LEU A 21 -3.37 8.78 5.18
C LEU A 21 -1.99 8.09 5.03
N SER A 22 -0.98 8.66 5.67
CA SER A 22 0.36 8.11 5.60
C SER A 22 0.36 6.71 6.20
N ILE A 23 -0.28 6.55 7.35
CA ILE A 23 -0.32 5.26 8.02
C ILE A 23 -1.12 4.24 7.21
N LEU A 24 -2.26 4.64 6.70
CA LEU A 24 -3.09 3.75 5.90
C LEU A 24 -2.37 3.24 4.67
N SER A 25 -1.87 4.16 3.85
CA SER A 25 -1.17 3.78 2.61
C SER A 25 0.06 2.93 2.90
N THR A 26 0.85 3.36 3.89
CA THR A 26 2.02 2.63 4.32
C THR A 26 1.70 1.23 4.87
N GLY A 27 0.64 1.14 5.68
CA GLY A 27 0.23 -0.12 6.27
C GLY A 27 -0.26 -1.13 5.25
N ILE A 28 -1.04 -0.67 4.26
CA ILE A 28 -1.55 -1.55 3.23
C ILE A 28 -0.40 -1.98 2.33
N ALA A 29 0.44 -1.03 1.93
CA ALA A 29 1.62 -1.33 1.13
C ALA A 29 2.47 -2.38 1.82
N LEU A 30 2.80 -2.16 3.09
CA LEU A 30 3.69 -3.08 3.81
C LEU A 30 3.07 -4.46 4.00
N LEU A 31 1.79 -4.48 4.33
CA LEU A 31 1.09 -5.77 4.43
C LEU A 31 1.12 -6.53 3.09
N THR A 32 0.89 -5.81 2.00
CA THR A 32 0.91 -6.45 0.70
C THR A 32 2.33 -6.90 0.37
N LEU A 33 3.30 -6.05 0.65
CA LEU A 33 4.70 -6.37 0.39
C LEU A 33 5.13 -7.57 1.21
N ALA A 34 4.71 -7.60 2.46
CA ALA A 34 4.98 -8.74 3.35
C ALA A 34 4.46 -10.06 2.80
N SER A 35 3.26 -10.05 2.23
CA SER A 35 2.69 -11.25 1.62
C SER A 35 3.40 -11.63 0.31
N SER A 36 4.22 -10.73 -0.22
CA SER A 36 4.83 -10.90 -1.52
C SER A 36 6.33 -11.24 -1.51
N LEU A 37 6.97 -11.20 -0.34
CA LEU A 37 8.42 -11.34 -0.28
C LEU A 37 8.93 -12.68 -0.83
N ARG A 38 8.08 -13.70 -0.83
CA ARG A 38 8.46 -14.98 -1.41
C ARG A 38 7.74 -15.29 -2.74
N ASP A 39 7.19 -14.27 -3.40
CA ASP A 39 6.56 -14.49 -4.72
C ASP A 39 7.58 -15.01 -5.75
N ALA A 40 8.78 -14.42 -5.77
CA ALA A 40 9.77 -14.81 -6.77
C ALA A 40 10.25 -16.23 -6.51
N GLU A 41 10.44 -16.54 -5.24
CA GLU A 41 10.82 -17.85 -4.82
C GLU A 41 9.79 -18.85 -5.25
N ALA A 42 8.53 -18.54 -4.98
CA ALA A 42 7.45 -19.42 -5.36
C ALA A 42 7.43 -19.70 -6.87
N ILE A 43 7.61 -18.67 -7.68
CA ILE A 43 7.60 -18.85 -9.15
C ILE A 43 8.78 -19.70 -9.65
N ASN A 44 9.95 -19.52 -9.03
CA ASN A 44 11.12 -20.33 -9.33
C ASN A 44 10.89 -21.79 -9.00
N ILE A 45 10.46 -22.04 -7.77
CA ILE A 45 10.30 -23.42 -7.34
C ILE A 45 9.17 -24.12 -8.10
N ALA A 46 8.05 -23.42 -8.25
CA ALA A 46 6.92 -23.97 -9.01
C ALA A 46 7.34 -24.27 -10.44
N GLY A 47 8.03 -23.33 -11.07
CA GLY A 47 8.54 -23.54 -12.39
C GLY A 47 9.42 -24.76 -12.50
N SER A 48 10.30 -24.98 -11.50
CA SER A 48 11.22 -26.11 -11.48
C SER A 48 10.53 -27.44 -11.54
N LEU A 49 9.26 -27.47 -11.12
CA LEU A 49 8.48 -28.70 -11.19
C LEU A 49 8.34 -29.13 -12.66
N ARG A 50 8.29 -28.16 -13.57
CA ARG A 50 8.16 -28.49 -14.99
C ARG A 50 9.43 -29.18 -15.48
N MET A 51 10.60 -28.61 -15.18
CA MET A 51 11.86 -29.22 -15.56
C MET A 51 12.02 -30.59 -14.92
N GLN A 52 11.69 -30.72 -13.65
CA GLN A 52 11.88 -32.00 -12.95
C GLN A 52 11.01 -33.09 -13.56
N SER A 53 9.85 -32.70 -14.06
CA SER A 53 8.92 -33.66 -14.62
C SER A 53 9.45 -34.23 -15.92
N TYR A 54 10.05 -33.38 -16.75
CA TYR A 54 10.68 -33.87 -17.98
C TYR A 54 11.99 -34.60 -17.71
N ARG A 55 12.74 -34.19 -16.69
CA ARG A 55 13.95 -34.91 -16.31
C ARG A 55 13.64 -36.35 -15.90
N LEU A 56 12.51 -36.55 -15.24
CA LEU A 56 12.09 -37.89 -14.90
C LEU A 56 11.87 -38.77 -16.12
N GLY A 57 11.22 -38.22 -17.15
CA GLY A 57 11.05 -38.92 -18.41
C GLY A 57 12.37 -39.25 -19.11
N TYR A 58 13.24 -38.26 -19.16
CA TYR A 58 14.61 -38.46 -19.65
C TYR A 58 15.35 -39.57 -18.86
N ASP A 59 15.17 -39.59 -17.55
CA ASP A 59 15.78 -40.61 -16.66
C ASP A 59 15.24 -42.01 -17.00
N LEU A 60 13.95 -42.06 -17.28
CA LEU A 60 13.27 -43.31 -17.56
C LEU A 60 13.76 -43.84 -18.90
N GLN A 61 13.74 -42.99 -19.92
CA GLN A 61 14.20 -43.38 -21.26
C GLN A 61 15.63 -43.91 -21.26
N SER A 62 16.46 -43.41 -20.34
CA SER A 62 17.91 -43.66 -20.34
C SER A 62 18.38 -44.65 -19.27
N GLY A 63 17.45 -45.15 -18.47
CA GLY A 63 17.79 -46.07 -17.40
C GLY A 63 18.62 -45.44 -16.29
N SER A 64 18.49 -44.14 -16.14
CA SER A 64 19.31 -43.43 -15.17
C SER A 64 19.15 -43.99 -13.77
N PRO A 65 20.27 -44.20 -13.07
CA PRO A 65 20.24 -44.59 -11.66
C PRO A 65 19.75 -43.47 -10.75
N GLN A 66 19.65 -42.24 -11.28
CA GLN A 66 19.14 -41.15 -10.47
C GLN A 66 17.61 -41.03 -10.43
N LEU A 67 16.90 -41.92 -11.11
CA LEU A 67 15.44 -41.82 -11.21
C LEU A 67 14.72 -41.72 -9.85
N ASN A 68 15.09 -42.57 -8.90
CA ASN A 68 14.42 -42.54 -7.59
C ASN A 68 14.71 -41.29 -6.79
N ALA A 69 15.97 -40.88 -6.79
CA ALA A 69 16.36 -39.68 -6.11
C ALA A 69 15.65 -38.47 -6.74
N HIS A 70 15.42 -38.52 -8.04
CA HIS A 70 14.78 -37.39 -8.71
C HIS A 70 13.28 -37.39 -8.38
N ARG A 71 12.71 -38.58 -8.25
CA ARG A 71 11.32 -38.67 -7.82
C ARG A 71 11.14 -38.05 -6.43
N GLN A 72 12.12 -38.25 -5.55
CA GLN A 72 12.05 -37.77 -4.18
C GLN A 72 12.28 -36.27 -4.14
N LEU A 73 13.18 -35.79 -5.00
CA LEU A 73 13.41 -34.38 -5.14
C LEU A 73 12.15 -33.64 -5.63
N PHE A 74 11.42 -34.24 -6.56
CA PHE A 74 10.21 -33.60 -7.09
C PHE A 74 9.17 -33.47 -5.97
N GLN A 75 8.98 -34.55 -5.23
CA GLN A 75 8.03 -34.54 -4.12
CA GLN A 75 8.08 -34.60 -4.07
C GLN A 75 8.42 -33.52 -3.04
N GLN A 76 9.70 -33.40 -2.74
CA GLN A 76 10.17 -32.39 -1.79
C GLN A 76 9.86 -30.98 -2.31
N ALA A 77 10.10 -30.76 -3.59
CA ALA A 77 9.89 -29.46 -4.18
C ALA A 77 8.40 -29.14 -4.18
N LEU A 78 7.60 -30.11 -4.61
CA LEU A 78 6.17 -29.92 -4.70
C LEU A 78 5.59 -29.51 -3.36
N HIS A 79 6.15 -30.11 -2.30
CA HIS A 79 5.71 -29.89 -0.94
C HIS A 79 6.62 -28.96 -0.15
N SER A 80 7.42 -28.16 -0.85
CA SER A 80 8.24 -27.13 -0.21
CA SER A 80 8.24 -27.17 -0.19
C SER A 80 7.39 -26.16 0.61
N PRO A 81 7.97 -25.61 1.67
CA PRO A 81 7.29 -24.60 2.50
C PRO A 81 6.67 -23.47 1.69
N VAL A 82 7.42 -22.93 0.71
CA VAL A 82 6.91 -21.82 -0.06
C VAL A 82 5.62 -22.18 -0.82
N LEU A 83 5.46 -23.43 -1.24
CA LEU A 83 4.23 -23.80 -1.95
C LEU A 83 3.14 -24.22 -0.96
N THR A 84 3.50 -24.90 0.11
CA THR A 84 2.52 -25.27 1.11
C THR A 84 1.92 -24.02 1.79
N ASN A 85 2.71 -22.96 1.95
CA ASN A 85 2.23 -21.72 2.53
C ASN A 85 1.20 -21.00 1.64
N LEU A 86 0.97 -21.50 0.42
CA LEU A 86 -0.02 -20.89 -0.49
C LEU A 86 -1.45 -21.20 -0.05
N ASN A 87 -1.60 -22.21 0.79
CA ASN A 87 -2.93 -22.58 1.24
C ASN A 87 -3.29 -21.68 2.44
N VAL A 88 -3.57 -20.42 2.13
CA VAL A 88 -3.91 -19.42 3.13
CA VAL A 88 -3.89 -19.42 3.13
C VAL A 88 -5.00 -18.54 2.57
N TRP A 89 -5.76 -17.89 3.44
CA TRP A 89 -7.01 -17.26 3.03
C TRP A 89 -6.85 -16.20 1.97
N TYR A 90 -5.77 -15.43 2.01
CA TYR A 90 -5.60 -14.30 1.07
C TYR A 90 -5.06 -14.67 -0.31
N VAL A 91 -4.63 -15.92 -0.47
CA VAL A 91 -4.23 -16.42 -1.78
C VAL A 91 -5.47 -16.81 -2.61
N PRO A 92 -5.52 -16.44 -3.88
CA PRO A 92 -6.73 -16.71 -4.69
C PRO A 92 -7.10 -18.19 -4.82
N GLU A 93 -8.40 -18.46 -4.88
CA GLU A 93 -8.91 -19.83 -4.99
C GLU A 93 -8.21 -20.56 -6.12
N ALA A 94 -8.06 -19.90 -7.26
CA ALA A 94 -7.51 -20.55 -8.43
C ALA A 94 -6.11 -21.06 -8.21
N VAL A 95 -5.31 -20.34 -7.43
CA VAL A 95 -3.95 -20.79 -7.13
C VAL A 95 -4.04 -22.03 -6.30
N LYS A 96 -4.91 -22.02 -5.30
CA LYS A 96 -5.00 -23.15 -4.39
C LYS A 96 -5.54 -24.41 -5.07
N THR A 97 -6.51 -24.24 -5.98
CA THR A 97 -7.11 -25.37 -6.68
C THR A 97 -6.13 -26.01 -7.66
N ARG A 98 -5.39 -25.18 -8.37
CA ARG A 98 -4.38 -25.71 -9.27
C ARG A 98 -3.33 -26.51 -8.50
N TYR A 99 -2.88 -25.99 -7.36
CA TYR A 99 -1.90 -26.68 -6.54
C TYR A 99 -2.44 -28.04 -6.12
N ALA A 100 -3.72 -28.07 -5.73
CA ALA A 100 -4.36 -29.34 -5.39
C ALA A 100 -4.33 -30.32 -6.55
N HIS A 101 -4.63 -29.85 -7.77
CA HIS A 101 -4.52 -30.69 -8.92
C HIS A 101 -3.10 -31.25 -9.11
N LEU A 102 -2.07 -30.41 -8.97
CA LEU A 102 -0.69 -30.88 -9.17
C LEU A 102 -0.37 -32.02 -8.19
N ASN A 103 -0.84 -31.89 -6.96
CA ASN A 103 -0.61 -32.90 -5.94
C ASN A 103 -1.28 -34.21 -6.31
N ALA A 104 -2.51 -34.15 -6.82
CA ALA A 104 -3.19 -35.36 -7.29
C ALA A 104 -2.49 -35.95 -8.54
N ASN A 105 -2.10 -35.08 -9.46
CA ASN A 105 -1.46 -35.56 -10.67
C ASN A 105 -0.16 -36.31 -10.31
N TRP A 106 0.56 -35.78 -9.34
CA TRP A 106 1.84 -36.39 -8.94
C TRP A 106 1.66 -37.81 -8.42
N LEU A 107 0.59 -38.06 -7.68
CA LEU A 107 0.33 -39.40 -7.17
C LEU A 107 0.25 -40.43 -8.29
N GLU A 108 -0.47 -40.09 -9.36
CA GLU A 108 -0.56 -40.96 -10.52
C GLU A 108 0.78 -41.05 -11.27
N MET A 109 1.44 -39.93 -11.51
CA MET A 109 2.74 -39.91 -12.16
C MET A 109 3.79 -40.73 -11.38
N ASN A 110 3.87 -40.52 -10.08
CA ASN A 110 4.89 -41.23 -9.30
C ASN A 110 4.65 -42.75 -9.31
N ASN A 111 3.38 -43.15 -9.27
CA ASN A 111 3.03 -44.57 -9.38
C ASN A 111 3.41 -45.18 -10.74
N ARG A 112 3.06 -44.48 -11.82
CA ARG A 112 3.39 -44.96 -13.15
C ARG A 112 4.91 -45.07 -13.29
N LEU A 113 5.64 -44.12 -12.74
CA LEU A 113 7.11 -44.16 -12.81
C LEU A 113 7.66 -45.33 -12.01
N SER A 114 7.01 -45.66 -10.88
CA SER A 114 7.43 -46.80 -10.07
C SER A 114 7.17 -48.10 -10.81
N LYS A 115 6.25 -48.11 -11.77
CA LYS A 115 6.01 -49.29 -12.58
C LYS A 115 6.81 -49.20 -13.87
N GLY A 116 7.57 -48.13 -14.03
CA GLY A 116 8.41 -47.94 -15.20
C GLY A 116 7.64 -47.78 -16.51
N ASP A 117 6.41 -47.26 -16.42
CA ASP A 117 5.48 -47.24 -17.55
C ASP A 117 5.76 -46.08 -18.50
N LEU A 118 6.70 -46.30 -19.41
CA LEU A 118 7.14 -45.25 -20.35
C LEU A 118 6.03 -44.86 -21.33
N PRO A 119 5.29 -45.83 -21.87
CA PRO A 119 4.26 -45.40 -22.84
C PRO A 119 3.20 -44.48 -22.21
N TRP A 120 2.84 -44.76 -20.96
CA TRP A 120 1.89 -43.91 -20.27
C TRP A 120 2.52 -42.51 -20.11
N TYR A 121 3.77 -42.48 -19.65
CA TYR A 121 4.51 -41.21 -19.53
C TYR A 121 4.47 -40.42 -20.84
N GLN A 122 4.82 -41.06 -21.94
CA GLN A 122 4.89 -40.35 -23.23
C GLN A 122 3.52 -39.82 -23.66
N ALA A 123 2.46 -40.55 -23.29
CA ALA A 123 1.12 -40.16 -23.69
C ALA A 123 0.58 -39.05 -22.78
N ASN A 124 1.16 -38.85 -21.60
CA ASN A 124 0.57 -37.94 -20.62
C ASN A 124 1.39 -36.72 -20.21
N ILE A 125 2.68 -36.70 -20.56
CA ILE A 125 3.60 -35.71 -19.98
C ILE A 125 3.27 -34.29 -20.47
N ASN A 126 2.81 -34.16 -21.72
CA ASN A 126 2.46 -32.86 -22.24
C ASN A 126 1.35 -32.21 -21.43
N ASN A 127 0.25 -32.94 -21.26
CA ASN A 127 -0.87 -32.45 -20.46
C ASN A 127 -0.43 -32.21 -19.00
N TYR A 128 0.36 -33.13 -18.46
CA TYR A 128 0.81 -33.03 -17.07
C TYR A 128 1.61 -31.76 -16.81
N VAL A 129 2.55 -31.48 -17.69
CA VAL A 129 3.39 -30.30 -17.55
C VAL A 129 2.61 -29.02 -17.89
N ASN A 130 1.62 -29.11 -18.78
CA ASN A 130 0.74 -27.96 -19.07
CA ASN A 130 0.78 -27.92 -19.06
C ASN A 130 0.05 -27.52 -17.80
N GLN A 131 -0.38 -28.47 -17.00
CA GLN A 131 -1.10 -28.12 -15.78
CA GLN A 131 -1.10 -28.14 -15.77
C GLN A 131 -0.16 -27.42 -14.79
N ILE A 132 1.10 -27.84 -14.74
CA ILE A 132 2.07 -27.13 -13.90
C ILE A 132 2.30 -25.72 -14.45
N ASP A 133 2.43 -25.61 -15.76
CA ASP A 133 2.65 -24.32 -16.42
C ASP A 133 1.53 -23.31 -16.09
N LEU A 134 0.29 -23.77 -16.05
CA LEU A 134 -0.83 -22.91 -15.68
C LEU A 134 -0.79 -22.49 -14.24
N PHE A 135 -0.27 -23.37 -13.37
CA PHE A 135 -0.04 -23.02 -11.96
C PHE A 135 0.99 -21.93 -11.83
N VAL A 136 2.09 -22.08 -12.55
CA VAL A 136 3.13 -21.09 -12.49
C VAL A 136 2.60 -19.76 -13.00
N LEU A 137 1.84 -19.80 -14.09
CA LEU A 137 1.28 -18.59 -14.66
C LEU A 137 0.32 -17.93 -13.70
N ALA A 138 -0.45 -18.71 -12.95
CA ALA A 138 -1.37 -18.14 -11.96
C ALA A 138 -0.60 -17.44 -10.84
N LEU A 139 0.50 -18.04 -10.42
CA LEU A 139 1.37 -17.40 -9.44
C LEU A 139 1.95 -16.10 -9.99
N GLN A 140 2.40 -16.13 -11.24
CA GLN A 140 2.94 -14.95 -11.88
C GLN A 140 1.93 -13.79 -11.87
N HIS A 141 0.70 -14.08 -12.31
CA HIS A 141 -0.37 -13.07 -12.39
C HIS A 141 -0.75 -12.56 -11.00
N TYR A 142 -0.81 -13.45 -10.03
CA TYR A 142 -1.07 -13.07 -8.64
C TYR A 142 0.01 -12.09 -8.14
N ALA A 143 1.27 -12.43 -8.37
CA ALA A 143 2.40 -11.56 -8.03
C ALA A 143 2.28 -10.17 -8.69
N GLU A 144 1.87 -10.16 -9.97
CA GLU A 144 1.67 -8.92 -10.71
C GLU A 144 0.54 -8.09 -10.13
N ARG A 145 -0.58 -8.72 -9.79
CA ARG A 145 -1.69 -7.98 -9.21
C ARG A 145 -1.29 -7.33 -7.87
N LYS A 146 -0.65 -8.10 -6.99
CA LYS A 146 -0.17 -7.55 -5.72
C LYS A 146 0.76 -6.35 -5.91
N MET A 147 1.71 -6.45 -6.81
CA MET A 147 2.60 -5.33 -7.10
C MET A 147 1.86 -4.11 -7.64
N LEU A 148 0.87 -4.31 -8.49
CA LEU A 148 0.10 -3.19 -8.99
C LEU A 148 -0.68 -2.51 -7.85
N LEU A 149 -1.18 -3.31 -6.92
CA LEU A 149 -1.84 -2.77 -5.75
C LEU A 149 -0.90 -1.85 -4.96
N VAL A 150 0.33 -2.29 -4.76
CA VAL A 150 1.31 -1.48 -4.06
C VAL A 150 1.60 -0.20 -4.83
N VAL A 151 1.73 -0.30 -6.16
CA VAL A 151 1.92 0.89 -6.99
C VAL A 151 0.75 1.89 -6.77
N ALA A 152 -0.48 1.39 -6.83
CA ALA A 152 -1.67 2.25 -6.69
C ALA A 152 -1.71 2.98 -5.35
N ILE A 153 -1.44 2.22 -4.30
CA ILE A 153 -1.46 2.75 -2.95
CA ILE A 153 -1.47 2.76 -2.95
C ILE A 153 -0.33 3.74 -2.74
N SER A 154 0.85 3.43 -3.29
CA SER A 154 2.00 4.32 -3.16
C SER A 154 1.69 5.66 -3.83
N LEU A 155 1.12 5.55 -5.03
CA LEU A 155 0.77 6.70 -5.83
C LEU A 155 -0.28 7.55 -5.12
N ALA A 156 -1.40 6.93 -4.75
CA ALA A 156 -2.50 7.61 -4.06
C ALA A 156 -2.09 8.22 -2.70
N GLY A 157 -1.21 7.53 -1.98
CA GLY A 157 -0.64 8.08 -0.77
C GLY A 157 0.14 9.37 -1.02
N GLY A 158 1.08 9.34 -1.96
CA GLY A 158 1.86 10.51 -2.31
C GLY A 158 1.00 11.65 -2.84
N ILE A 159 0.08 11.35 -3.76
CA ILE A 159 -0.83 12.36 -4.26
C ILE A 159 -1.68 12.91 -3.11
N GLY A 160 -2.18 12.02 -2.27
CA GLY A 160 -3.06 12.38 -1.17
C GLY A 160 -2.37 13.29 -0.15
N ILE A 161 -1.13 12.96 0.20
CA ILE A 161 -0.39 13.81 1.10
C ILE A 161 -0.10 15.17 0.48
N PHE A 162 0.31 15.19 -0.77
CA PHE A 162 0.58 16.43 -1.46
C PHE A 162 -0.66 17.30 -1.41
N THR A 163 -1.83 16.68 -1.55
CA THR A 163 -3.08 17.42 -1.68
C THR A 163 -3.57 17.94 -0.33
N LEU A 164 -3.47 17.09 0.67
CA LEU A 164 -3.80 17.49 2.02
C LEU A 164 -2.91 18.65 2.47
N VAL A 165 -1.63 18.58 2.15
CA VAL A 165 -0.70 19.59 2.61
C VAL A 165 -1.00 20.89 1.90
N PHE A 166 -1.28 20.82 0.60
CA PHE A 166 -1.64 22.01 -0.18
C PHE A 166 -2.80 22.78 0.44
N PHE A 167 -3.90 22.09 0.75
CA PHE A 167 -5.05 22.78 1.31
C PHE A 167 -4.85 23.17 2.77
N THR A 168 -4.14 22.34 3.52
CA THR A 168 -3.89 22.65 4.92
C THR A 168 -3.10 23.94 5.03
N LEU A 169 -1.97 23.99 4.34
CA LEU A 169 -1.15 25.19 4.30
CA LEU A 169 -1.15 25.19 4.30
C LEU A 169 -1.95 26.40 3.81
N ARG A 170 -2.78 26.19 2.78
CA ARG A 170 -3.60 27.29 2.25
C ARG A 170 -4.54 27.85 3.36
N ARG A 171 -5.22 26.97 4.06
CA ARG A 171 -6.08 27.37 5.14
C ARG A 171 -5.30 28.10 6.26
N ILE A 172 -4.13 27.56 6.65
CA ILE A 172 -3.36 28.21 7.70
C ILE A 172 -2.93 29.58 7.23
N ARG A 173 -2.59 29.72 5.96
CA ARG A 173 -2.17 31.02 5.45
C ARG A 173 -3.32 32.03 5.48
N HIS A 174 -4.50 31.60 5.05
CA HIS A 174 -5.65 32.50 4.96
CA HIS A 174 -5.66 32.48 4.95
C HIS A 174 -6.24 32.81 6.35
N GLN A 175 -6.19 31.84 7.24
CA GLN A 175 -6.88 31.98 8.53
C GLN A 175 -5.98 32.35 9.71
N VAL A 176 -4.67 32.19 9.53
CA VAL A 176 -3.74 32.46 10.62
C VAL A 176 -2.65 33.44 10.20
N VAL A 177 -1.87 33.07 9.19
CA VAL A 177 -0.69 33.86 8.81
C VAL A 177 -1.08 35.26 8.34
N ALA A 178 -2.00 35.36 7.38
CA ALA A 178 -2.32 36.67 6.84
C ALA A 178 -2.94 37.56 7.91
N PRO A 179 -3.92 37.05 8.68
CA PRO A 179 -4.46 37.92 9.72
C PRO A 179 -3.45 38.33 10.81
N LEU A 180 -2.53 37.43 11.16
CA LEU A 180 -1.49 37.78 12.12
C LEU A 180 -0.65 38.93 11.60
N ASN A 181 -0.29 38.85 10.32
CA ASN A 181 0.49 39.92 9.71
C ASN A 181 -0.25 41.26 9.75
N GLN A 182 -1.56 41.24 9.50
CA GLN A 182 -2.37 42.44 9.59
C GLN A 182 -2.40 42.98 11.02
N LEU A 183 -2.52 42.09 11.99
CA LEU A 183 -2.51 42.51 13.38
C LEU A 183 -1.17 43.14 13.75
N VAL A 184 -0.08 42.56 13.27
CA VAL A 184 1.25 43.11 13.55
C VAL A 184 1.38 44.51 12.93
N THR A 185 0.99 44.64 11.67
CA THR A 185 1.04 45.94 11.01
C THR A 185 0.21 46.99 11.72
N ALA A 186 -1.06 46.69 11.99
CA ALA A 186 -1.90 47.62 12.70
C ALA A 186 -1.28 47.98 14.05
N SER A 187 -0.74 46.99 14.76
CA SER A 187 -0.07 47.20 16.05
C SER A 187 1.06 48.21 15.92
N GLN A 188 2.02 47.87 15.06
CA GLN A 188 3.17 48.71 14.81
C GLN A 188 2.77 50.12 14.38
N ARG A 189 1.72 50.24 13.56
CA ARG A 189 1.21 51.56 13.13
C ARG A 189 0.65 52.32 14.30
N ILE A 190 -0.31 51.71 14.99
CA ILE A 190 -0.99 52.35 16.11
C ILE A 190 0.06 52.84 17.11
N GLU A 191 1.08 52.02 17.33
CA GLU A 191 2.16 52.36 18.22
C GLU A 191 2.95 53.61 17.79
N HIS A 192 2.63 54.15 16.61
CA HIS A 192 3.31 55.34 16.05
C HIS A 192 2.31 56.33 15.45
N GLY A 193 1.21 56.55 16.16
CA GLY A 193 0.23 57.54 15.76
C GLY A 193 -0.19 57.47 14.30
N GLN A 194 -0.25 56.26 13.74
CA GLN A 194 -1.00 56.04 12.51
C GLN A 194 -2.34 55.42 12.89
N PHE A 195 -3.42 56.19 12.70
CA PHE A 195 -4.72 55.82 13.22
C PHE A 195 -5.86 55.83 12.19
N ASP A 196 -5.54 56.03 10.91
CA ASP A 196 -6.59 56.09 9.88
C ASP A 196 -6.45 54.96 8.85
N SER A 197 -5.86 53.85 9.27
CA SER A 197 -5.73 52.69 8.41
C SER A 197 -7.06 51.93 8.32
N PRO A 198 -7.25 51.15 7.25
CA PRO A 198 -8.42 50.27 7.20
C PRO A 198 -8.55 49.43 8.46
N PRO A 199 -9.77 49.34 9.03
CA PRO A 199 -9.94 48.48 10.21
C PRO A 199 -9.77 47.02 9.85
N LEU A 200 -9.41 46.20 10.84
CA LEU A 200 -9.13 44.81 10.60
C LEU A 200 -10.43 44.06 10.32
N ASP A 201 -10.37 43.13 9.39
CA ASP A 201 -11.47 42.21 9.11
C ASP A 201 -11.67 41.33 10.33
N THR A 202 -12.92 41.17 10.75
CA THR A 202 -13.21 40.49 12.00
C THR A 202 -14.02 39.23 11.78
N ASN A 203 -14.16 38.81 10.50
CA ASN A 203 -15.06 37.72 10.12
C ASN A 203 -14.55 36.31 10.42
N LEU A 204 -13.27 36.16 10.70
CA LEU A 204 -12.74 34.81 10.99
C LEU A 204 -13.42 34.24 12.24
N PRO A 205 -13.80 32.96 12.20
CA PRO A 205 -14.44 32.34 13.36
C PRO A 205 -13.41 31.80 14.39
N ASN A 206 -12.13 32.06 14.17
CA ASN A 206 -11.11 31.58 15.09
C ASN A 206 -10.58 32.68 16.00
N GLU A 207 -9.47 32.40 16.70
CA GLU A 207 -8.89 33.34 17.64
C GLU A 207 -8.53 34.67 16.99
N LEU A 208 -8.16 34.64 15.72
CA LEU A 208 -7.72 35.86 15.07
C LEU A 208 -8.88 36.82 14.79
N GLY A 209 -10.07 36.28 14.60
CA GLY A 209 -11.26 37.10 14.46
C GLY A 209 -11.56 37.85 15.74
N LEU A 210 -11.47 37.16 16.88
CA LEU A 210 -11.63 37.81 18.18
C LEU A 210 -10.56 38.86 18.47
N LEU A 211 -9.32 38.57 18.13
CA LEU A 211 -8.25 39.52 18.41
C LEU A 211 -8.46 40.77 17.56
N ALA A 212 -8.94 40.58 16.33
CA ALA A 212 -9.21 41.70 15.43
C ALA A 212 -10.29 42.61 16.00
N LYS A 213 -11.35 42.03 16.55
CA LYS A 213 -12.43 42.80 17.15
C LYS A 213 -11.93 43.60 18.36
N THR A 214 -11.19 42.94 19.24
CA THR A 214 -10.66 43.62 20.40
C THR A 214 -9.68 44.71 19.97
N PHE A 215 -8.87 44.40 18.97
CA PHE A 215 -7.92 45.40 18.50
C PHE A 215 -8.64 46.59 17.90
N ASN A 216 -9.63 46.34 17.07
CA ASN A 216 -10.35 47.41 16.46
C ASN A 216 -10.89 48.38 17.49
N GLN A 217 -11.20 47.87 18.68
CA GLN A 217 -11.74 48.68 19.78
C GLN A 217 -10.66 49.28 20.70
N MET A 218 -9.60 48.55 21.02
CA MET A 218 -8.46 49.15 21.76
C MET A 218 -7.86 50.30 20.93
N SER A 219 -7.98 50.21 19.61
CA SER A 219 -7.44 51.21 18.71
C SER A 219 -8.37 52.42 18.56
N SER A 220 -9.64 52.16 18.23
CA SER A 220 -10.60 53.21 17.94
C SER A 220 -10.76 54.18 19.10
N GLU A 221 -10.61 53.66 20.32
CA GLU A 221 -10.73 54.51 21.48
C GLU A 221 -9.53 55.45 21.55
N LEU A 222 -8.33 54.94 21.29
CA LEU A 222 -7.14 55.77 21.30
C LEU A 222 -7.30 56.91 20.31
N HIS A 223 -7.53 56.57 19.05
CA HIS A 223 -7.66 57.56 18.00
C HIS A 223 -8.56 58.72 18.49
N LYS A 224 -9.65 58.38 19.18
CA LYS A 224 -10.59 59.38 19.72
C LYS A 224 -9.99 60.16 20.90
N LEU A 225 -9.29 59.49 21.80
CA LEU A 225 -8.61 60.15 22.92
CA LEU A 225 -8.60 60.14 22.92
C LEU A 225 -7.70 61.25 22.38
N TYR A 226 -6.67 60.85 21.63
CA TYR A 226 -5.78 61.80 20.98
C TYR A 226 -6.63 62.67 20.03
N ARG A 227 -7.09 62.14 18.91
CA ARG A 227 -7.92 62.89 17.98
C3 LFA B . 3.91 -13.95 5.44
C4 LFA B . 2.99 -13.11 6.34
C5 LFA B . 2.40 -11.89 5.62
C6 LFA B . 0.88 -11.92 5.66
C7 LFA B . 0.26 -10.61 5.19
C8 LFA B . -1.27 -10.67 5.11
C9 LFA B . -1.75 -10.00 3.83
C10 LFA B . -3.27 -9.86 3.77
C3 LFA C . -7.20 -17.59 10.76
C4 LFA C . -7.74 -17.51 9.33
C5 LFA C . -8.64 -16.28 9.15
C6 LFA C . -9.33 -16.27 7.79
C7 LFA C . -9.88 -14.89 7.50
C8 LFA C . -10.95 -14.90 6.40
C9 LFA C . -10.93 -13.59 5.63
C2 LFA D . -5.21 -6.02 -10.71
C3 LFA D . -5.95 -5.87 -9.37
C4 LFA D . -5.03 -5.33 -8.28
C5 LFA D . -4.50 -3.94 -8.61
C6 LFA D . -5.53 -2.86 -8.27
C7 LFA D . -5.21 -1.56 -8.99
C8 LFA D . -6.16 -0.45 -8.56
C2 LFA E . -12.18 23.70 1.29
C3 LFA E . -10.95 22.89 0.90
C4 LFA E . -11.03 21.42 1.35
C5 LFA E . -9.95 20.61 0.65
C6 LFA E . -9.79 19.18 1.15
C7 LFA E . -9.06 18.34 0.10
C8 LFA E . -8.89 16.87 0.49
C4 LFA F . -1.78 13.62 15.16
C5 LFA F . -0.88 12.41 15.39
C6 LFA F . -1.68 11.11 15.54
C7 LFA F . -2.49 10.79 14.28
C8 LFA F . -3.10 9.38 14.33
N NO3 G . 11.15 -24.43 -15.06
O1 NO3 G . 10.90 -23.36 -14.50
O2 NO3 G . 10.41 -24.88 -16.14
O3 NO3 G . 12.19 -25.25 -14.62
#